data_4L41
#
_entry.id   4L41
#
_cell.length_a   62.390
_cell.length_b   65.210
_cell.length_c   71.720
_cell.angle_alpha   90.00
_cell.angle_beta   114.45
_cell.angle_gamma   90.00
#
_symmetry.space_group_name_H-M   'P 1 21 1'
#
loop_
_entity.id
_entity.type
_entity.pdbx_description
1 polymer Alpha-lactalbumin
2 polymer 'Beta-1,4-galactosyltransferase 1'
3 non-polymer 'CALCIUM ION'
4 non-polymer 'SULFATE ION'
5 water water
#
loop_
_entity_poly.entity_id
_entity_poly.type
_entity_poly.pdbx_seq_one_letter_code
_entity_poly.pdbx_strand_id
1 'polypeptide(L)'
;AKQFTKCELSQLLKDIDGYGGIALPELICTMFHTSGYDTQAIVENNESTEYGLFQISNKLWCKSSQVPQSRNICDISCDK
FLDDDITDDIMCAKKILDIKGIDYWLAHKALCTEKLEQWLCEKL
;
A,B
2 'polypeptide(L)'
;ASMTGGQQMGRGSASLPACPEESPLLVGPMLIEFNMPVDLELVAKQNPNVKMGGRYAPRDCVSPHKVAIIIPFRNRQEHL
KYWLYYLHPVLQRQQLDYGIYVINQAGDTIFNRAKLLNVGFQEALKDYDYTCFVFSDVDLIPMNDHNAYRCFSQPRHISV
AMDKFGFSLPYVQYFGGVSALSKQQFLTINGFPNNYWGWGGEDDDIFNRLVFRGMSISRPNAVVGTTRMIRHSRDKKNEP
NPQRFDRIAHTKETMLSDGLNSLTYQVLDVQRYPLYTQITVDIGTPS
;
C
#
# COMPACT_ATOMS: atom_id res chain seq x y z
N ALA A 1 -13.88 -9.84 15.31
CA ALA A 1 -12.83 -10.13 14.33
C ALA A 1 -11.46 -9.79 14.88
N LYS A 2 -10.42 -10.26 14.20
CA LYS A 2 -9.07 -10.06 14.69
C LYS A 2 -8.00 -10.06 13.61
N GLN A 3 -7.07 -9.11 13.71
CA GLN A 3 -5.90 -9.06 12.85
C GLN A 3 -4.70 -8.74 13.74
N PHE A 4 -3.74 -9.65 13.80
CA PHE A 4 -2.65 -9.52 14.76
C PHE A 4 -1.55 -8.57 14.31
N THR A 5 -0.72 -8.16 15.26
CA THR A 5 0.46 -7.36 14.97
C THR A 5 1.67 -8.28 15.07
N LYS A 6 2.82 -7.80 14.58
CA LYS A 6 4.07 -8.54 14.65
C LYS A 6 4.39 -8.92 16.09
N CYS A 7 3.95 -8.09 17.03
CA CYS A 7 4.23 -8.31 18.45
C CYS A 7 3.19 -9.17 19.16
N GLU A 8 1.93 -9.06 18.73
CA GLU A 8 0.87 -9.90 19.30
C GLU A 8 1.03 -11.35 18.86
N LEU A 9 1.28 -11.55 17.58
CA LEU A 9 1.51 -12.88 17.02
C LEU A 9 2.71 -13.54 17.67
N SER A 10 3.69 -12.71 18.03
CA SER A 10 4.92 -13.18 18.68
C SER A 10 4.65 -13.91 19.99
N GLN A 11 3.75 -13.35 20.80
CA GLN A 11 3.41 -13.96 22.09
C GLN A 11 2.55 -15.21 21.95
N LEU A 12 1.79 -15.30 20.86
CA LEU A 12 0.89 -16.44 20.65
C LEU A 12 1.57 -17.61 19.93
N LEU A 13 2.74 -17.38 19.37
CA LEU A 13 3.46 -18.44 18.65
C LEU A 13 4.61 -19.03 19.44
N LYS A 14 4.65 -18.74 20.74
CA LYS A 14 5.69 -19.26 21.63
C LYS A 14 5.79 -20.78 21.61
N ASP A 15 4.65 -21.44 21.76
CA ASP A 15 4.59 -22.90 21.81
C ASP A 15 4.95 -23.54 20.47
N ILE A 16 5.15 -22.71 19.46
CA ILE A 16 5.47 -23.21 18.12
C ILE A 16 6.92 -22.84 17.75
N ASP A 17 7.56 -22.03 18.59
CA ASP A 17 8.92 -21.56 18.35
C ASP A 17 9.93 -22.71 18.37
N GLY A 18 10.46 -23.05 17.20
CA GLY A 18 11.44 -24.10 17.10
C GLY A 18 10.82 -25.41 16.68
N TYR A 19 9.49 -25.43 16.57
CA TYR A 19 8.79 -26.63 16.11
C TYR A 19 9.18 -26.87 14.67
N GLY A 20 9.76 -28.03 14.40
CA GLY A 20 10.21 -28.37 13.06
C GLY A 20 11.51 -27.68 12.73
N GLY A 21 12.08 -26.98 13.71
CA GLY A 21 13.32 -26.26 13.48
C GLY A 21 13.06 -24.90 12.87
N ILE A 22 11.80 -24.47 12.90
CA ILE A 22 11.44 -23.17 12.36
C ILE A 22 11.29 -22.13 13.47
N ALA A 23 12.13 -21.10 13.42
CA ALA A 23 12.15 -20.06 14.46
C ALA A 23 10.92 -19.17 14.41
N LEU A 24 10.65 -18.48 15.52
CA LEU A 24 9.50 -17.59 15.63
C LEU A 24 9.43 -16.52 14.53
N PRO A 25 10.53 -15.78 14.31
CA PRO A 25 10.41 -14.73 13.27
C PRO A 25 10.31 -15.27 11.85
N GLU A 26 10.61 -16.55 11.64
CA GLU A 26 10.35 -17.18 10.34
C GLU A 26 8.84 -17.25 10.13
N LEU A 27 8.14 -17.79 11.13
CA LEU A 27 6.68 -17.87 11.09
C LEU A 27 6.04 -16.51 10.83
N ILE A 28 6.40 -15.52 11.65
CA ILE A 28 5.80 -14.19 11.56
C ILE A 28 5.97 -13.62 10.16
N CYS A 29 7.18 -13.74 9.63
CA CYS A 29 7.46 -13.33 8.26
C CYS A 29 6.59 -14.11 7.28
N THR A 30 6.50 -15.42 7.51
CA THR A 30 5.78 -16.30 6.60
C THR A 30 4.27 -16.01 6.59
N MET A 31 3.69 -15.90 7.76
CA MET A 31 2.25 -15.67 7.86
C MET A 31 1.83 -14.27 7.42
N PHE A 32 2.75 -13.31 7.51
CA PHE A 32 2.44 -11.97 7.03
C PHE A 32 2.17 -12.00 5.52
N HIS A 33 3.14 -12.51 4.76
CA HIS A 33 2.96 -12.62 3.32
C HIS A 33 1.80 -13.54 3.00
N THR A 34 1.63 -14.58 3.81
CA THR A 34 0.59 -15.58 3.58
C THR A 34 -0.83 -15.03 3.79
N SER A 35 -1.04 -14.28 4.88
CA SER A 35 -2.38 -13.79 5.20
C SER A 35 -2.42 -12.34 5.68
N GLY A 36 -1.28 -11.78 6.06
CA GLY A 36 -1.25 -10.42 6.56
C GLY A 36 -1.62 -10.32 8.03
N TYR A 37 -1.52 -11.45 8.73
CA TYR A 37 -1.93 -11.60 10.13
C TYR A 37 -3.46 -11.60 10.30
N ASP A 38 -4.19 -11.64 9.19
CA ASP A 38 -5.66 -11.64 9.28
C ASP A 38 -6.21 -13.04 9.54
N THR A 39 -7.02 -13.16 10.59
CA THR A 39 -7.61 -14.45 10.97
C THR A 39 -8.80 -14.80 10.09
N GLN A 40 -9.28 -13.82 9.34
CA GLN A 40 -10.45 -14.03 8.48
C GLN A 40 -10.07 -13.98 7.02
N ALA A 41 -8.77 -14.06 6.75
CA ALA A 41 -8.27 -14.08 5.38
C ALA A 41 -8.82 -15.31 4.66
N ILE A 42 -9.61 -15.08 3.61
CA ILE A 42 -10.14 -16.17 2.81
C ILE A 42 -9.76 -16.00 1.34
N VAL A 43 -9.11 -17.02 0.78
CA VAL A 43 -8.79 -17.04 -0.64
C VAL A 43 -9.30 -18.35 -1.22
N GLU A 44 -10.31 -18.29 -2.09
CA GLU A 44 -10.85 -19.49 -2.70
C GLU A 44 -10.49 -19.63 -4.18
N ASN A 45 -9.88 -20.76 -4.53
CA ASN A 45 -9.49 -21.03 -5.91
C ASN A 45 -10.63 -21.67 -6.69
N ASN A 46 -10.29 -22.24 -7.84
CA ASN A 46 -11.25 -22.97 -8.64
C ASN A 46 -11.85 -24.15 -7.90
N GLU A 47 -10.99 -24.93 -7.24
CA GLU A 47 -11.39 -26.18 -6.64
C GLU A 47 -10.98 -26.29 -5.16
N SER A 48 -10.62 -25.16 -4.56
CA SER A 48 -10.20 -25.16 -3.15
C SER A 48 -10.33 -23.80 -2.50
N THR A 49 -10.11 -23.77 -1.18
CA THR A 49 -10.15 -22.52 -0.42
C THR A 49 -9.11 -22.58 0.70
N GLU A 50 -8.37 -21.50 0.89
CA GLU A 50 -7.38 -21.43 1.96
C GLU A 50 -7.90 -20.55 3.10
N TYR A 51 -7.75 -21.03 4.33
CA TYR A 51 -8.45 -20.44 5.47
C TYR A 51 -7.54 -19.84 6.55
N GLY A 52 -7.82 -18.60 6.92
CA GLY A 52 -7.25 -18.01 8.12
C GLY A 52 -5.82 -17.55 8.05
N LEU A 53 -5.28 -17.22 9.22
CA LEU A 53 -3.93 -16.67 9.35
C LEU A 53 -2.88 -17.59 8.75
N PHE A 54 -3.12 -18.90 8.83
CA PHE A 54 -2.18 -19.86 8.28
C PHE A 54 -2.55 -20.25 6.85
N GLN A 55 -3.71 -19.77 6.40
CA GLN A 55 -4.23 -20.11 5.07
C GLN A 55 -4.18 -21.60 4.81
N ILE A 56 -4.85 -22.34 5.68
CA ILE A 56 -4.93 -23.80 5.59
C ILE A 56 -5.96 -24.20 4.53
N SER A 57 -5.54 -25.05 3.59
CA SER A 57 -6.41 -25.43 2.48
C SER A 57 -7.44 -26.50 2.84
N ASN A 58 -8.63 -26.37 2.27
CA ASN A 58 -9.71 -27.33 2.48
C ASN A 58 -9.55 -28.56 1.59
N LYS A 59 -8.54 -28.50 0.73
CA LYS A 59 -8.24 -29.57 -0.22
C LYS A 59 -7.83 -30.85 0.51
N LEU A 60 -7.29 -30.71 1.71
CA LEU A 60 -6.67 -31.84 2.40
C LEU A 60 -6.79 -31.79 3.91
N TRP A 61 -6.85 -30.57 4.47
CA TRP A 61 -6.67 -30.42 5.91
C TRP A 61 -7.93 -30.19 6.75
N CYS A 62 -9.01 -29.70 6.14
CA CYS A 62 -10.20 -29.37 6.94
C CYS A 62 -11.53 -29.72 6.27
N LYS A 63 -12.55 -29.91 7.10
CA LYS A 63 -13.88 -30.27 6.63
C LYS A 63 -14.65 -29.06 6.11
N SER A 64 -14.97 -29.08 4.81
CA SER A 64 -15.69 -27.99 4.16
C SER A 64 -16.77 -28.54 3.22
N SER A 65 -17.76 -27.70 2.92
CA SER A 65 -18.83 -28.11 2.02
C SER A 65 -18.34 -28.18 0.58
N GLN A 66 -17.47 -27.23 0.23
CA GLN A 66 -16.91 -27.13 -1.12
C GLN A 66 -16.13 -28.39 -1.48
N VAL A 67 -15.38 -28.89 -0.52
CA VAL A 67 -14.59 -30.11 -0.69
C VAL A 67 -15.01 -31.15 0.35
N PRO A 68 -16.11 -31.87 0.06
CA PRO A 68 -16.74 -32.80 1.00
C PRO A 68 -15.99 -34.11 1.10
N GLN A 69 -15.12 -34.37 0.13
CA GLN A 69 -14.35 -35.61 0.09
C GLN A 69 -13.02 -35.45 0.80
N SER A 70 -12.74 -34.25 1.29
CA SER A 70 -11.45 -33.91 1.90
C SER A 70 -11.00 -34.90 2.96
N ARG A 71 -9.70 -35.18 2.98
CA ARG A 71 -9.14 -36.13 3.92
C ARG A 71 -9.21 -35.62 5.35
N ASN A 72 -9.39 -34.31 5.50
CA ASN A 72 -9.60 -33.70 6.81
C ASN A 72 -8.53 -34.13 7.81
N ILE A 73 -7.27 -33.91 7.45
CA ILE A 73 -6.14 -34.36 8.26
C ILE A 73 -6.20 -33.73 9.66
N CYS A 74 -6.40 -32.42 9.70
CA CYS A 74 -6.74 -31.77 10.95
C CYS A 74 -8.23 -32.00 11.19
N ASP A 75 -8.57 -32.72 12.25
CA ASP A 75 -9.96 -33.08 12.51
C ASP A 75 -10.77 -31.85 12.90
N ILE A 76 -11.20 -31.07 11.92
CA ILE A 76 -11.83 -29.78 12.20
C ILE A 76 -12.59 -29.20 11.00
N SER A 77 -13.61 -28.39 11.28
CA SER A 77 -14.30 -27.62 10.27
C SER A 77 -13.39 -26.48 9.82
N CYS A 78 -13.41 -26.18 8.55
CA CYS A 78 -12.55 -25.17 7.99
C CYS A 78 -12.86 -23.82 8.56
N ASP A 79 -14.03 -23.70 9.11
CA ASP A 79 -14.52 -22.46 9.61
C ASP A 79 -14.00 -22.09 10.97
N LYS A 80 -13.35 -22.98 11.65
CA LYS A 80 -12.80 -22.59 12.87
C LYS A 80 -11.45 -21.90 12.68
N PHE A 81 -11.10 -21.66 11.44
CA PHE A 81 -9.89 -21.02 11.11
C PHE A 81 -10.18 -19.60 10.69
N LEU A 82 -11.34 -19.10 11.07
CA LEU A 82 -11.82 -17.79 10.79
C LEU A 82 -12.25 -17.05 12.01
N ASP A 83 -12.24 -17.68 13.16
CA ASP A 83 -12.52 -17.04 14.43
C ASP A 83 -11.35 -16.17 14.89
N ASP A 84 -11.35 -15.79 16.16
CA ASP A 84 -10.31 -14.92 16.69
C ASP A 84 -9.36 -15.67 17.62
N ASP A 85 -9.50 -16.98 17.64
CA ASP A 85 -8.61 -17.83 18.42
C ASP A 85 -7.79 -18.68 17.44
N ILE A 86 -6.47 -18.61 17.56
CA ILE A 86 -5.59 -19.38 16.68
C ILE A 86 -4.99 -20.58 17.39
N THR A 87 -5.64 -21.02 18.46
CA THR A 87 -5.18 -22.18 19.22
C THR A 87 -5.21 -23.44 18.35
N ASP A 88 -6.34 -23.67 17.68
CA ASP A 88 -6.49 -24.84 16.83
C ASP A 88 -5.94 -24.63 15.42
N ASP A 89 -5.71 -23.37 15.04
CA ASP A 89 -5.02 -23.08 13.79
C ASP A 89 -3.58 -23.56 13.90
N ILE A 90 -2.97 -23.28 15.05
CA ILE A 90 -1.61 -23.69 15.33
C ILE A 90 -1.46 -25.21 15.36
N MET A 91 -2.44 -25.90 15.93
CA MET A 91 -2.39 -27.36 16.03
C MET A 91 -2.55 -28.06 14.68
N CYS A 92 -3.11 -27.35 13.71
CA CYS A 92 -3.19 -27.87 12.36
C CYS A 92 -1.88 -27.54 11.65
N ALA A 93 -1.33 -26.38 11.98
CA ALA A 93 -0.07 -25.94 11.39
C ALA A 93 1.10 -26.80 11.85
N LYS A 94 1.05 -27.25 13.10
CA LYS A 94 2.04 -28.21 13.60
C LYS A 94 1.98 -29.47 12.77
N LYS A 95 0.76 -29.85 12.42
CA LYS A 95 0.50 -31.10 11.71
C LYS A 95 0.88 -31.00 10.24
N ILE A 96 0.63 -29.84 9.65
CA ILE A 96 1.08 -29.55 8.29
C ILE A 96 2.60 -29.57 8.25
N LEU A 97 3.20 -29.01 9.30
CA LEU A 97 4.65 -29.00 9.47
C LEU A 97 5.21 -30.43 9.50
N ASP A 98 4.59 -31.30 10.29
CA ASP A 98 5.03 -32.68 10.45
C ASP A 98 5.05 -33.44 9.12
N ILE A 99 4.04 -33.22 8.31
CA ILE A 99 3.82 -33.99 7.09
C ILE A 99 4.46 -33.35 5.86
N LYS A 100 4.24 -32.05 5.69
CA LYS A 100 4.68 -31.34 4.48
C LYS A 100 5.94 -30.53 4.71
N GLY A 101 6.17 -30.09 5.94
CA GLY A 101 7.28 -29.21 6.24
C GLY A 101 6.90 -27.75 6.09
N ILE A 102 7.88 -26.87 6.16
CA ILE A 102 7.63 -25.43 6.06
C ILE A 102 7.23 -25.06 4.63
N ASP A 103 7.49 -25.97 3.70
CA ASP A 103 7.27 -25.68 2.29
C ASP A 103 5.80 -25.78 1.85
N TYR A 104 4.90 -25.98 2.79
CA TYR A 104 3.48 -25.81 2.51
C TYR A 104 3.25 -24.34 2.23
N TRP A 105 3.92 -23.51 3.02
CA TRP A 105 3.88 -22.07 2.80
C TRP A 105 5.08 -21.68 1.94
N LEU A 106 4.84 -21.46 0.66
CA LEU A 106 5.91 -21.16 -0.28
C LEU A 106 6.47 -19.75 -0.13
N ALA A 107 5.80 -18.94 0.67
CA ALA A 107 6.28 -17.59 0.96
C ALA A 107 7.56 -17.63 1.79
N HIS A 108 7.74 -18.70 2.56
CA HIS A 108 8.91 -18.84 3.44
C HIS A 108 10.22 -18.86 2.66
N LYS A 109 10.26 -19.70 1.62
CA LYS A 109 11.43 -19.81 0.77
C LYS A 109 11.65 -18.49 0.03
N ALA A 110 10.56 -17.89 -0.42
CA ALA A 110 10.62 -16.71 -1.27
C ALA A 110 11.08 -15.45 -0.53
N LEU A 111 10.61 -15.28 0.70
CA LEU A 111 10.72 -13.99 1.37
C LEU A 111 11.13 -14.05 2.85
N CYS A 112 11.26 -15.26 3.40
CA CYS A 112 11.46 -15.37 4.85
C CYS A 112 12.65 -16.25 5.28
N THR A 113 13.76 -16.18 4.57
CA THR A 113 14.98 -16.85 5.03
C THR A 113 16.14 -15.87 5.12
N GLU A 114 15.89 -14.62 4.74
CA GLU A 114 16.89 -13.57 4.85
C GLU A 114 16.29 -12.37 5.59
N LYS A 115 17.14 -11.62 6.29
CA LYS A 115 16.71 -10.44 7.03
C LYS A 115 15.55 -10.73 7.98
N LEU A 116 15.76 -11.71 8.85
CA LEU A 116 14.73 -12.09 9.82
C LEU A 116 14.67 -11.10 10.98
N GLU A 117 15.66 -10.22 11.06
CA GLU A 117 15.81 -9.29 12.17
C GLU A 117 14.67 -8.27 12.33
N GLN A 118 13.89 -8.10 11.27
CA GLN A 118 12.79 -7.12 11.28
C GLN A 118 11.52 -7.68 11.90
N TRP A 119 11.40 -8.99 11.94
CA TRP A 119 10.17 -9.62 12.42
C TRP A 119 10.17 -9.85 13.93
N LEU A 120 11.20 -9.35 14.61
CA LEU A 120 11.22 -9.36 16.07
C LEU A 120 10.34 -8.24 16.62
N CYS A 121 9.66 -8.52 17.73
CA CYS A 121 8.94 -7.47 18.45
C CYS A 121 9.94 -6.72 19.31
N GLU A 122 9.91 -5.39 19.23
CA GLU A 122 10.88 -4.56 19.95
C GLU A 122 10.75 -4.67 21.48
N LYS A 123 9.57 -4.34 22.00
CA LYS A 123 9.34 -4.38 23.44
C LYS A 123 7.85 -4.29 23.74
N SER B 15 19.77 29.90 -23.68
CA SER B 15 18.38 30.12 -24.06
C SER B 15 17.47 29.94 -22.85
N LEU B 16 17.71 28.86 -22.10
CA LEU B 16 16.96 28.58 -20.87
C LEU B 16 17.89 27.90 -19.89
N PRO B 17 17.91 28.39 -18.63
CA PRO B 17 18.87 27.89 -17.62
C PRO B 17 18.49 26.53 -17.05
N ALA B 18 19.39 25.96 -16.25
CA ALA B 18 19.15 24.65 -15.64
C ALA B 18 18.37 24.78 -14.34
N CYS B 19 17.25 24.07 -14.23
CA CYS B 19 16.44 24.11 -13.03
C CYS B 19 17.21 23.58 -11.82
N PRO B 20 17.04 24.22 -10.66
CA PRO B 20 17.80 23.88 -9.46
C PRO B 20 17.59 22.43 -9.03
N GLU B 21 18.46 21.95 -8.14
CA GLU B 21 18.30 20.61 -7.59
C GLU B 21 16.98 20.53 -6.84
N GLU B 22 16.72 21.53 -6.01
CA GLU B 22 15.48 21.62 -5.25
C GLU B 22 14.58 22.69 -5.82
N SER B 23 13.29 22.38 -5.92
CA SER B 23 12.30 23.33 -6.42
C SER B 23 11.86 24.30 -5.35
N PRO B 24 11.69 25.58 -5.72
CA PRO B 24 11.21 26.63 -4.83
C PRO B 24 9.71 26.48 -4.55
N LEU B 25 9.02 25.82 -5.46
CA LEU B 25 7.55 25.76 -5.44
C LEU B 25 6.97 24.77 -4.43
N LEU B 26 7.79 23.88 -3.88
CA LEU B 26 7.31 22.83 -2.98
C LEU B 26 6.68 23.39 -1.69
N VAL B 27 5.53 22.84 -1.31
CA VAL B 27 4.78 23.32 -0.15
C VAL B 27 4.75 22.30 1.00
N GLY B 28 5.25 21.10 0.74
CA GLY B 28 5.29 20.08 1.77
C GLY B 28 3.99 19.28 1.84
N PRO B 29 3.50 19.07 3.07
CA PRO B 29 2.27 18.31 3.36
C PRO B 29 1.04 18.80 2.61
N MET B 30 0.25 17.86 2.09
CA MET B 30 -0.95 18.19 1.33
C MET B 30 -2.16 17.42 1.85
N LEU B 31 -3.26 18.13 2.08
CA LEU B 31 -4.49 17.47 2.51
C LEU B 31 -5.14 16.73 1.36
N ILE B 32 -5.17 15.40 1.47
CA ILE B 32 -5.73 14.56 0.41
C ILE B 32 -7.14 14.11 0.77
N GLU B 33 -8.11 14.43 -0.07
CA GLU B 33 -9.49 13.99 0.15
C GLU B 33 -10.07 13.26 -1.06
N PHE B 34 -10.90 12.26 -0.80
CA PHE B 34 -11.54 11.46 -1.84
C PHE B 34 -13.07 11.55 -1.73
N ASN B 35 -13.53 12.50 -0.92
CA ASN B 35 -14.97 12.65 -0.65
C ASN B 35 -15.71 13.50 -1.68
N MET B 36 -14.98 14.35 -2.40
CA MET B 36 -15.57 15.30 -3.34
C MET B 36 -15.52 14.79 -4.79
N PRO B 37 -16.42 15.31 -5.66
CA PRO B 37 -16.39 14.93 -7.08
C PRO B 37 -15.31 15.68 -7.85
N VAL B 38 -14.69 15.01 -8.82
CA VAL B 38 -13.65 15.63 -9.64
C VAL B 38 -14.06 15.72 -11.11
N ASP B 39 -13.89 16.89 -11.70
CA ASP B 39 -14.22 17.11 -13.11
C ASP B 39 -12.92 17.25 -13.92
N LEU B 40 -12.62 16.22 -14.72
CA LEU B 40 -11.39 16.20 -15.52
C LEU B 40 -11.25 17.43 -16.41
N GLU B 41 -12.39 17.96 -16.84
CA GLU B 41 -12.44 19.16 -17.66
C GLU B 41 -11.91 20.35 -16.88
N LEU B 42 -12.22 20.39 -15.58
CA LEU B 42 -11.80 21.50 -14.73
C LEU B 42 -10.32 21.45 -14.35
N VAL B 43 -9.84 20.26 -14.01
CA VAL B 43 -8.43 20.08 -13.67
C VAL B 43 -7.57 20.43 -14.87
N ALA B 44 -8.13 20.25 -16.06
CA ALA B 44 -7.47 20.65 -17.30
C ALA B 44 -7.30 22.17 -17.33
N LYS B 45 -8.38 22.89 -17.03
CA LYS B 45 -8.30 24.35 -16.99
C LYS B 45 -7.55 24.82 -15.74
N GLN B 46 -7.55 23.99 -14.71
CA GLN B 46 -6.77 24.26 -13.50
C GLN B 46 -5.28 24.22 -13.84
N ASN B 47 -4.91 23.35 -14.77
CA ASN B 47 -3.52 23.18 -15.19
C ASN B 47 -3.32 23.45 -16.68
N PRO B 48 -3.33 24.73 -17.08
CA PRO B 48 -3.29 25.11 -18.49
C PRO B 48 -1.95 24.78 -19.15
N ASN B 49 -0.90 24.65 -18.36
CA ASN B 49 0.42 24.38 -18.90
C ASN B 49 0.63 22.93 -19.33
N VAL B 50 -0.33 22.06 -18.99
CA VAL B 50 -0.26 20.65 -19.38
C VAL B 50 -0.73 20.45 -20.82
N LYS B 51 0.20 20.03 -21.68
CA LYS B 51 -0.09 19.88 -23.10
C LYS B 51 -0.77 18.55 -23.42
N MET B 52 -1.53 18.54 -24.51
CA MET B 52 -2.29 17.36 -24.97
C MET B 52 -1.50 16.06 -24.86
N GLY B 53 -2.11 15.04 -24.25
CA GLY B 53 -1.44 13.78 -24.03
C GLY B 53 -0.84 13.70 -22.64
N GLY B 54 -1.06 14.73 -21.84
CA GLY B 54 -0.58 14.77 -20.47
C GLY B 54 0.90 15.08 -20.38
N ARG B 55 1.35 16.03 -21.19
CA ARG B 55 2.76 16.39 -21.25
C ARG B 55 3.04 17.76 -20.66
N TYR B 56 4.00 17.83 -19.74
CA TYR B 56 4.41 19.12 -19.17
C TYR B 56 5.92 19.26 -19.06
N ALA B 57 6.41 20.44 -19.45
CA ALA B 57 7.80 20.80 -19.27
C ALA B 57 7.83 22.25 -18.84
N PRO B 58 8.69 22.60 -17.88
CA PRO B 58 8.77 23.99 -17.39
C PRO B 58 9.12 24.97 -18.50
N ARG B 59 8.54 26.16 -18.44
CA ARG B 59 8.91 27.22 -19.37
C ARG B 59 10.03 28.07 -18.75
N ASP B 60 10.23 27.89 -17.45
CA ASP B 60 11.24 28.64 -16.71
C ASP B 60 12.63 28.01 -16.78
N CYS B 61 12.68 26.69 -16.84
CA CYS B 61 13.96 25.98 -16.75
C CYS B 61 14.04 24.75 -17.65
N VAL B 62 15.24 24.21 -17.79
CA VAL B 62 15.43 22.90 -18.41
C VAL B 62 15.72 21.89 -17.29
N SER B 63 14.92 20.84 -17.24
CA SER B 63 15.04 19.83 -16.19
C SER B 63 15.79 18.60 -16.68
N PRO B 64 16.66 18.06 -15.82
CA PRO B 64 17.39 16.82 -16.12
C PRO B 64 16.49 15.61 -15.98
N HIS B 65 15.30 15.81 -15.43
CA HIS B 65 14.40 14.70 -15.15
C HIS B 65 13.36 14.53 -16.25
N LYS B 66 13.67 13.70 -17.24
CA LYS B 66 12.71 13.36 -18.29
C LYS B 66 11.95 12.12 -17.85
N VAL B 67 10.78 12.32 -17.25
CA VAL B 67 10.08 11.24 -16.56
C VAL B 67 8.82 10.77 -17.28
N ALA B 68 8.82 9.50 -17.66
CA ALA B 68 7.59 8.88 -18.16
C ALA B 68 6.90 8.21 -16.97
N ILE B 69 5.67 8.62 -16.68
CA ILE B 69 4.92 8.05 -15.56
C ILE B 69 3.95 6.99 -16.05
N ILE B 70 4.24 5.73 -15.71
CA ILE B 70 3.45 4.59 -16.18
C ILE B 70 2.40 4.17 -15.15
N ILE B 71 1.15 4.01 -15.61
CA ILE B 71 0.07 3.58 -14.73
C ILE B 71 -0.66 2.36 -15.31
N PRO B 72 -0.55 1.21 -14.62
CA PRO B 72 -1.25 -0.01 -15.03
C PRO B 72 -2.74 0.18 -14.78
N PHE B 73 -3.57 -0.10 -15.78
CA PHE B 73 -4.97 0.29 -15.68
C PHE B 73 -5.98 -0.68 -16.29
N ARG B 74 -7.10 -0.84 -15.58
CA ARG B 74 -8.32 -1.39 -16.16
C ARG B 74 -9.52 -1.01 -15.31
N ASN B 75 -10.39 -0.18 -15.87
CA ASN B 75 -11.71 0.06 -15.31
C ASN B 75 -11.70 0.71 -13.93
N ARG B 76 -10.84 1.72 -13.76
CA ARG B 76 -10.82 2.51 -12.53
C ARG B 76 -10.77 3.99 -12.89
N GLN B 77 -11.70 4.42 -13.74
CA GLN B 77 -11.71 5.79 -14.23
C GLN B 77 -11.86 6.80 -13.09
N GLU B 78 -12.65 6.44 -12.09
CA GLU B 78 -12.87 7.30 -10.94
C GLU B 78 -11.60 7.42 -10.10
N HIS B 79 -10.81 6.34 -10.06
CA HIS B 79 -9.50 6.39 -9.42
C HIS B 79 -8.55 7.27 -10.23
N LEU B 80 -8.61 7.15 -11.55
CA LEU B 80 -7.74 7.92 -12.45
C LEU B 80 -8.01 9.42 -12.36
N LYS B 81 -9.27 9.81 -12.10
CA LYS B 81 -9.62 11.21 -11.92
C LYS B 81 -8.85 11.83 -10.76
N TYR B 82 -8.94 11.20 -9.60
CA TYR B 82 -8.26 11.70 -8.40
C TYR B 82 -6.74 11.74 -8.55
N TRP B 83 -6.18 10.75 -9.23
CA TRP B 83 -4.74 10.69 -9.45
C TRP B 83 -4.26 11.91 -10.23
N LEU B 84 -4.88 12.16 -11.38
CA LEU B 84 -4.56 13.32 -12.19
C LEU B 84 -4.83 14.62 -11.43
N TYR B 85 -5.88 14.63 -10.62
CA TYR B 85 -6.29 15.81 -9.87
C TYR B 85 -5.21 16.26 -8.90
N TYR B 86 -4.55 15.30 -8.28
CA TYR B 86 -3.52 15.61 -7.29
C TYR B 86 -2.11 15.65 -7.86
N LEU B 87 -1.80 14.73 -8.77
CA LEU B 87 -0.43 14.56 -9.24
C LEU B 87 0.08 15.64 -10.20
N HIS B 88 -0.71 16.00 -11.22
CA HIS B 88 -0.33 17.08 -12.13
C HIS B 88 0.19 18.34 -11.41
N PRO B 89 -0.57 18.86 -10.42
CA PRO B 89 -0.03 20.04 -9.71
C PRO B 89 1.28 19.73 -8.98
N VAL B 90 1.38 18.57 -8.34
CA VAL B 90 2.60 18.18 -7.64
C VAL B 90 3.77 18.09 -8.63
N LEU B 91 3.56 17.37 -9.72
CA LEU B 91 4.59 17.14 -10.73
C LEU B 91 5.10 18.44 -11.36
N GLN B 92 4.23 19.42 -11.50
CA GLN B 92 4.59 20.71 -12.08
C GLN B 92 5.40 21.55 -11.10
N ARG B 93 5.06 21.44 -9.82
CA ARG B 93 5.81 22.14 -8.79
C ARG B 93 7.16 21.47 -8.54
N GLN B 94 7.30 20.23 -9.04
CA GLN B 94 8.54 19.51 -8.91
C GLN B 94 9.47 19.79 -10.09
N GLN B 95 8.98 20.59 -11.04
CA GLN B 95 9.77 20.99 -12.21
C GLN B 95 10.27 19.79 -13.01
N LEU B 96 9.38 18.87 -13.34
CA LEU B 96 9.74 17.69 -14.10
C LEU B 96 9.37 17.85 -15.58
N ASP B 97 10.22 17.32 -16.46
CA ASP B 97 9.90 17.22 -17.87
C ASP B 97 9.26 15.85 -18.06
N TYR B 98 7.96 15.78 -17.79
CA TYR B 98 7.28 14.49 -17.67
C TYR B 98 6.16 14.21 -18.67
N GLY B 99 5.62 13.00 -18.59
CA GLY B 99 4.48 12.60 -19.41
C GLY B 99 3.66 11.56 -18.65
N ILE B 100 2.35 11.51 -18.92
CA ILE B 100 1.46 10.61 -18.19
C ILE B 100 0.93 9.49 -19.09
N TYR B 101 1.31 8.25 -18.77
CA TYR B 101 0.88 7.13 -19.59
C TYR B 101 0.03 6.15 -18.79
N VAL B 102 -1.21 5.99 -19.23
CA VAL B 102 -2.14 5.05 -18.61
C VAL B 102 -2.25 3.84 -19.52
N ILE B 103 -1.57 2.76 -19.15
CA ILE B 103 -1.58 1.54 -19.95
C ILE B 103 -2.81 0.72 -19.59
N ASN B 104 -3.82 0.75 -20.47
CA ASN B 104 -5.10 0.10 -20.20
C ASN B 104 -5.20 -1.29 -20.81
N GLN B 105 -5.52 -2.27 -19.98
CA GLN B 105 -5.60 -3.67 -20.42
C GLN B 105 -6.96 -4.01 -21.02
N ALA B 106 -6.99 -4.24 -22.32
CA ALA B 106 -8.22 -4.61 -23.01
C ALA B 106 -8.56 -6.07 -22.76
N GLY B 107 -9.81 -6.34 -22.39
CA GLY B 107 -10.24 -7.70 -22.13
C GLY B 107 -10.86 -7.88 -20.76
N ASP B 108 -11.22 -9.12 -20.46
CA ASP B 108 -11.82 -9.47 -19.17
C ASP B 108 -11.00 -10.55 -18.48
N THR B 109 -9.77 -10.76 -18.97
CA THR B 109 -8.90 -11.80 -18.44
C THR B 109 -8.07 -11.33 -17.24
N ILE B 110 -7.32 -12.25 -16.65
CA ILE B 110 -6.53 -11.99 -15.45
C ILE B 110 -5.54 -10.82 -15.64
N PHE B 111 -5.44 -9.97 -14.63
CA PHE B 111 -4.66 -8.73 -14.69
C PHE B 111 -3.15 -8.98 -14.52
N ASN B 112 -2.35 -8.33 -15.35
CA ASN B 112 -0.90 -8.47 -15.28
C ASN B 112 -0.23 -7.11 -15.12
N ARG B 113 -0.01 -6.70 -13.87
CA ARG B 113 0.53 -5.37 -13.58
C ARG B 113 1.92 -5.15 -14.18
N ALA B 114 2.80 -6.12 -14.01
CA ALA B 114 4.18 -5.98 -14.44
C ALA B 114 4.34 -5.96 -15.96
N LYS B 115 3.43 -6.61 -16.68
CA LYS B 115 3.49 -6.61 -18.14
C LYS B 115 3.03 -5.28 -18.70
N LEU B 116 2.00 -4.69 -18.08
CA LEU B 116 1.50 -3.38 -18.49
C LEU B 116 2.56 -2.32 -18.28
N LEU B 117 3.34 -2.45 -17.21
CA LEU B 117 4.45 -1.55 -16.95
C LEU B 117 5.51 -1.65 -18.05
N ASN B 118 5.80 -2.88 -18.47
CA ASN B 118 6.74 -3.11 -19.56
C ASN B 118 6.31 -2.42 -20.86
N VAL B 119 5.02 -2.49 -21.14
CA VAL B 119 4.44 -1.84 -22.32
C VAL B 119 4.63 -0.33 -22.21
N GLY B 120 4.28 0.22 -21.07
CA GLY B 120 4.41 1.65 -20.82
C GLY B 120 5.80 2.18 -21.06
N PHE B 121 6.80 1.43 -20.62
CA PHE B 121 8.20 1.77 -20.86
C PHE B 121 8.45 1.84 -22.36
N GLN B 122 8.03 0.79 -23.07
CA GLN B 122 8.27 0.69 -24.50
C GLN B 122 7.43 1.66 -25.32
N GLU B 123 6.24 1.97 -24.83
CA GLU B 123 5.35 2.85 -25.57
C GLU B 123 5.67 4.33 -25.36
N ALA B 124 6.24 4.65 -24.22
CA ALA B 124 6.61 6.03 -23.92
C ALA B 124 7.84 6.46 -24.72
N LEU B 125 8.77 5.54 -24.90
CA LEU B 125 9.99 5.80 -25.65
C LEU B 125 9.73 6.20 -27.10
N LYS B 126 8.59 5.74 -27.64
CA LYS B 126 8.21 6.08 -29.00
C LYS B 126 7.93 7.58 -29.15
N ASP B 127 7.42 8.19 -28.08
CA ASP B 127 7.05 9.59 -28.09
C ASP B 127 8.24 10.52 -27.89
N TYR B 128 9.16 10.12 -27.02
CA TYR B 128 10.13 11.06 -26.47
C TYR B 128 11.31 10.37 -25.80
N ASP B 129 12.41 11.10 -25.62
CA ASP B 129 13.61 10.56 -24.99
C ASP B 129 13.54 10.60 -23.46
N TYR B 130 12.66 9.80 -22.87
CA TYR B 130 12.60 9.70 -21.42
C TYR B 130 13.83 8.96 -20.89
N THR B 131 14.28 9.32 -19.69
CA THR B 131 15.44 8.69 -19.08
C THR B 131 15.09 8.19 -17.68
N CYS B 132 13.96 8.66 -17.16
CA CYS B 132 13.41 8.17 -15.90
C CYS B 132 12.02 7.58 -16.10
N PHE B 133 11.65 6.63 -15.25
CA PHE B 133 10.33 6.01 -15.33
C PHE B 133 9.71 5.80 -13.96
N VAL B 134 8.67 6.58 -13.65
CA VAL B 134 7.88 6.35 -12.45
C VAL B 134 6.80 5.33 -12.75
N PHE B 135 6.84 4.22 -12.02
CA PHE B 135 5.80 3.20 -12.14
C PHE B 135 4.87 3.34 -10.95
N SER B 136 3.64 3.76 -11.21
CA SER B 136 2.72 4.11 -10.14
C SER B 136 1.35 3.44 -10.29
N ASP B 137 0.88 2.82 -9.21
CA ASP B 137 -0.51 2.37 -9.16
C ASP B 137 -1.41 3.59 -9.26
N VAL B 138 -2.67 3.40 -9.65
CA VAL B 138 -3.57 4.51 -9.95
C VAL B 138 -4.25 5.06 -8.70
N ASP B 139 -4.18 4.31 -7.60
CA ASP B 139 -4.87 4.69 -6.38
C ASP B 139 -3.93 5.18 -5.29
N LEU B 140 -2.70 5.52 -5.67
CA LEU B 140 -1.73 5.99 -4.69
C LEU B 140 -1.37 7.46 -4.86
N ILE B 141 -1.66 8.24 -3.83
CA ILE B 141 -1.44 9.69 -3.85
C ILE B 141 -0.45 10.08 -2.76
N PRO B 142 0.58 10.87 -3.11
CA PRO B 142 1.58 11.31 -2.13
C PRO B 142 1.04 12.42 -1.24
N MET B 143 1.48 12.45 0.03
CA MET B 143 1.02 13.47 0.96
C MET B 143 2.05 14.58 1.17
N ASN B 144 3.20 14.44 0.52
CA ASN B 144 4.26 15.46 0.60
C ASN B 144 4.95 15.63 -0.75
N ASP B 145 4.95 16.85 -1.28
CA ASP B 145 5.55 17.10 -2.60
C ASP B 145 7.08 17.14 -2.57
N HIS B 146 7.65 16.91 -1.41
CA HIS B 146 9.10 16.71 -1.33
C HIS B 146 9.45 15.28 -1.75
N ASN B 147 8.45 14.41 -1.79
CA ASN B 147 8.65 13.07 -2.30
C ASN B 147 8.86 13.13 -3.81
N ALA B 148 10.12 13.08 -4.23
CA ALA B 148 10.48 13.27 -5.62
C ALA B 148 9.99 12.14 -6.53
N TYR B 149 9.23 12.50 -7.55
CA TYR B 149 8.76 11.54 -8.55
C TYR B 149 9.71 11.48 -9.73
N ARG B 150 10.98 11.23 -9.44
CA ARG B 150 12.00 11.11 -10.48
C ARG B 150 13.04 10.09 -10.01
N CYS B 151 13.96 9.70 -10.88
CA CYS B 151 14.90 8.63 -10.53
C CYS B 151 16.24 9.11 -9.98
N PHE B 152 16.98 8.16 -9.40
CA PHE B 152 18.20 8.44 -8.67
C PHE B 152 19.34 7.57 -9.20
N SER B 153 20.43 7.49 -8.45
CA SER B 153 21.55 6.63 -8.82
C SER B 153 21.19 5.17 -8.56
N GLN B 154 20.26 4.97 -7.64
CA GLN B 154 19.74 3.64 -7.33
C GLN B 154 18.25 3.64 -7.54
N PRO B 155 17.67 2.46 -7.83
CA PRO B 155 16.22 2.30 -7.90
C PRO B 155 15.53 2.97 -6.72
N ARG B 156 14.43 3.67 -6.96
CA ARG B 156 13.80 4.49 -5.93
C ARG B 156 12.42 3.97 -5.56
N HIS B 157 12.21 3.70 -4.28
CA HIS B 157 10.89 3.33 -3.78
C HIS B 157 10.23 4.60 -3.27
N ILE B 158 9.10 4.97 -3.88
CA ILE B 158 8.47 6.26 -3.59
C ILE B 158 7.35 6.12 -2.56
N SER B 159 6.59 5.03 -2.62
CA SER B 159 5.52 4.80 -1.67
C SER B 159 6.02 3.94 -0.51
N VAL B 160 6.72 4.56 0.44
CA VAL B 160 7.38 3.84 1.52
C VAL B 160 6.66 3.90 2.87
N ALA B 161 5.61 4.70 2.96
CA ALA B 161 4.86 4.85 4.20
C ALA B 161 3.37 4.90 3.92
N MET B 162 2.80 3.76 3.59
CA MET B 162 1.40 3.68 3.15
C MET B 162 0.41 3.60 4.32
N ASP B 163 -0.71 4.31 4.19
CA ASP B 163 -1.71 4.36 5.25
C ASP B 163 -2.29 2.98 5.58
N LYS B 164 -2.39 2.12 4.57
CA LYS B 164 -2.94 0.78 4.76
C LYS B 164 -1.97 -0.10 5.54
N PHE B 165 -0.76 0.39 5.72
CA PHE B 165 0.27 -0.36 6.43
C PHE B 165 0.63 0.34 7.73
N GLY B 166 -0.25 1.22 8.19
CA GLY B 166 -0.01 1.95 9.42
C GLY B 166 1.15 2.90 9.27
N PHE B 167 1.33 3.40 8.05
CA PHE B 167 2.41 4.32 7.71
C PHE B 167 3.82 3.78 7.97
N SER B 168 3.95 2.45 7.87
CA SER B 168 5.25 1.80 7.94
C SER B 168 5.51 0.95 6.70
N LEU B 169 6.79 0.75 6.38
CA LEU B 169 7.17 -0.24 5.38
C LEU B 169 6.80 -1.61 5.93
N PRO B 170 5.97 -2.35 5.20
CA PRO B 170 5.55 -3.67 5.68
C PRO B 170 6.75 -4.60 5.84
N TYR B 171 7.67 -4.55 4.89
CA TYR B 171 8.95 -5.23 5.00
C TYR B 171 10.01 -4.47 4.20
N VAL B 172 11.28 -4.63 4.55
CA VAL B 172 12.33 -3.81 3.98
C VAL B 172 12.67 -4.16 2.53
N GLN B 173 12.20 -5.32 2.09
CA GLN B 173 12.38 -5.73 0.70
C GLN B 173 11.12 -5.50 -0.12
N TYR B 174 10.21 -4.68 0.41
CA TYR B 174 8.98 -4.34 -0.29
C TYR B 174 9.23 -3.22 -1.30
N PHE B 175 8.78 -3.44 -2.53
CA PHE B 175 9.02 -2.50 -3.62
C PHE B 175 7.72 -2.24 -4.36
N GLY B 176 6.61 -2.39 -3.65
CA GLY B 176 5.29 -2.23 -4.24
C GLY B 176 4.72 -0.82 -4.16
N GLY B 177 3.74 -0.54 -5.02
CA GLY B 177 3.10 0.75 -5.03
C GLY B 177 3.66 1.68 -6.08
N VAL B 178 4.52 2.59 -5.65
CA VAL B 178 5.13 3.56 -6.55
C VAL B 178 6.65 3.40 -6.52
N SER B 179 7.26 3.33 -7.70
CA SER B 179 8.71 3.20 -7.80
C SER B 179 9.27 4.01 -8.97
N ALA B 180 10.57 4.26 -8.95
CA ALA B 180 11.21 5.04 -9.99
C ALA B 180 12.50 4.38 -10.47
N LEU B 181 12.58 4.11 -11.77
CA LEU B 181 13.75 3.44 -12.34
C LEU B 181 14.32 4.23 -13.52
N SER B 182 15.62 4.52 -13.48
CA SER B 182 16.28 5.15 -14.61
C SER B 182 16.28 4.19 -15.79
N LYS B 183 16.40 4.72 -17.00
CA LYS B 183 16.36 3.89 -18.20
C LYS B 183 17.40 2.79 -18.15
N GLN B 184 18.56 3.08 -17.59
CA GLN B 184 19.65 2.11 -17.52
C GLN B 184 19.41 1.04 -16.44
N GLN B 185 18.78 1.44 -15.35
CA GLN B 185 18.41 0.50 -14.29
C GLN B 185 17.37 -0.48 -14.81
N PHE B 186 16.45 0.02 -15.65
CA PHE B 186 15.39 -0.81 -16.20
C PHE B 186 15.92 -1.79 -17.24
N LEU B 187 16.96 -1.38 -17.97
CA LEU B 187 17.56 -2.24 -18.99
C LEU B 187 18.48 -3.31 -18.40
N THR B 188 19.10 -3.02 -17.26
CA THR B 188 20.06 -3.93 -16.63
C THR B 188 19.36 -5.21 -16.13
N ILE B 189 18.12 -5.07 -15.71
CA ILE B 189 17.36 -6.19 -15.17
C ILE B 189 16.42 -6.84 -16.18
N ASN B 190 16.66 -6.58 -17.47
CA ASN B 190 15.80 -7.11 -18.53
C ASN B 190 14.34 -6.68 -18.36
N GLY B 191 14.15 -5.47 -17.82
CA GLY B 191 12.82 -4.97 -17.57
C GLY B 191 12.11 -5.72 -16.46
N PHE B 192 10.78 -5.80 -16.55
CA PHE B 192 9.97 -6.49 -15.55
C PHE B 192 9.51 -7.86 -16.06
N PRO B 193 9.01 -8.73 -15.16
CA PRO B 193 8.50 -10.02 -15.64
C PRO B 193 7.16 -9.91 -16.34
N ASN B 194 6.91 -10.77 -17.33
CA ASN B 194 5.63 -10.78 -18.01
C ASN B 194 4.78 -11.99 -17.65
N ASN B 195 5.30 -12.85 -16.77
CA ASN B 195 4.62 -14.09 -16.44
C ASN B 195 3.97 -14.15 -15.06
N TYR B 196 3.76 -12.98 -14.45
CA TYR B 196 3.00 -12.90 -13.20
C TYR B 196 1.57 -12.48 -13.50
N TRP B 197 0.66 -13.45 -13.53
CA TRP B 197 -0.75 -13.16 -13.78
C TRP B 197 -1.51 -13.17 -12.47
N GLY B 198 -2.27 -12.10 -12.21
CA GLY B 198 -2.99 -11.96 -10.97
C GLY B 198 -2.30 -11.02 -9.99
N TRP B 199 -2.76 -11.02 -8.75
CA TRP B 199 -2.25 -10.07 -7.76
C TRP B 199 -1.05 -10.57 -6.95
N GLY B 200 -0.09 -9.67 -6.73
CA GLY B 200 1.03 -9.94 -5.86
C GLY B 200 2.23 -10.59 -6.51
N GLY B 201 3.40 -10.36 -5.93
CA GLY B 201 4.60 -11.05 -6.36
C GLY B 201 5.51 -10.27 -7.29
N GLU B 202 4.92 -9.56 -8.25
CA GLU B 202 5.71 -8.89 -9.29
C GLU B 202 6.67 -7.88 -8.68
N ASP B 203 6.24 -7.21 -7.62
CA ASP B 203 7.07 -6.23 -6.94
C ASP B 203 8.23 -6.91 -6.22
N ASP B 204 7.98 -8.10 -5.67
CA ASP B 204 9.02 -8.87 -5.00
C ASP B 204 10.05 -9.40 -6.00
N ASP B 205 9.56 -9.86 -7.14
CA ASP B 205 10.42 -10.35 -8.23
C ASP B 205 11.30 -9.23 -8.78
N ILE B 206 10.69 -8.08 -9.08
CA ILE B 206 11.43 -6.92 -9.56
C ILE B 206 12.51 -6.51 -8.57
N PHE B 207 12.17 -6.53 -7.28
CA PHE B 207 13.15 -6.29 -6.22
C PHE B 207 14.31 -7.25 -6.35
N ASN B 208 14.00 -8.54 -6.49
CA ASN B 208 15.02 -9.55 -6.66
C ASN B 208 15.94 -9.32 -7.86
N ARG B 209 15.38 -8.81 -8.96
CA ARG B 209 16.16 -8.52 -10.16
C ARG B 209 17.21 -7.44 -9.92
N LEU B 210 16.80 -6.37 -9.24
CA LEU B 210 17.69 -5.26 -8.96
C LEU B 210 18.85 -5.66 -8.05
N VAL B 211 18.52 -6.34 -6.96
CA VAL B 211 19.53 -6.78 -5.99
C VAL B 211 20.53 -7.75 -6.61
N PHE B 212 20.04 -8.67 -7.44
CA PHE B 212 20.89 -9.65 -8.12
C PHE B 212 21.81 -8.98 -9.15
N ARG B 213 21.48 -7.75 -9.54
CA ARG B 213 22.33 -6.98 -10.43
C ARG B 213 23.20 -5.99 -9.66
N GLY B 214 23.27 -6.15 -8.34
CA GLY B 214 24.13 -5.32 -7.53
C GLY B 214 23.49 -4.04 -7.01
N MET B 215 22.30 -3.72 -7.52
CA MET B 215 21.61 -2.50 -7.11
C MET B 215 21.00 -2.63 -5.72
N SER B 216 20.70 -1.48 -5.10
CA SER B 216 20.07 -1.44 -3.79
C SER B 216 18.91 -0.44 -3.82
N ILE B 217 17.99 -0.56 -2.86
CA ILE B 217 16.81 0.30 -2.86
C ILE B 217 17.01 1.62 -2.13
N SER B 218 16.71 2.72 -2.83
CA SER B 218 16.81 4.06 -2.28
C SER B 218 15.43 4.60 -1.90
N ARG B 219 15.32 5.19 -0.72
CA ARG B 219 14.02 5.64 -0.24
C ARG B 219 14.09 7.03 0.38
N PRO B 220 12.99 7.81 0.28
CA PRO B 220 12.86 9.04 1.05
C PRO B 220 12.58 8.63 2.48
N ASN B 221 12.72 9.53 3.44
CA ASN B 221 12.38 9.15 4.81
C ASN B 221 10.87 9.10 4.99
N ALA B 222 10.43 8.23 5.91
CA ALA B 222 9.02 7.94 6.15
C ALA B 222 8.05 9.12 6.00
N VAL B 223 8.30 10.21 6.73
CA VAL B 223 7.40 11.36 6.74
C VAL B 223 7.20 12.01 5.37
N VAL B 224 8.13 11.76 4.45
CA VAL B 224 8.06 12.32 3.10
C VAL B 224 7.33 11.38 2.14
N GLY B 225 7.61 10.09 2.24
CA GLY B 225 7.04 9.12 1.33
C GLY B 225 5.65 8.63 1.73
N THR B 226 4.96 9.42 2.54
CA THR B 226 3.60 9.07 2.97
C THR B 226 2.66 8.99 1.77
N THR B 227 1.64 8.14 1.89
CA THR B 227 0.72 7.92 0.79
C THR B 227 -0.67 7.49 1.26
N ARG B 228 -1.71 8.11 0.69
CA ARG B 228 -3.08 7.65 0.90
C ARG B 228 -3.49 6.75 -0.25
N MET B 229 -4.29 5.72 0.05
CA MET B 229 -4.81 4.83 -0.98
C MET B 229 -6.32 4.98 -1.09
N ILE B 230 -6.83 4.98 -2.31
CA ILE B 230 -8.27 5.07 -2.53
C ILE B 230 -8.93 3.74 -2.16
N ARG B 231 -9.78 3.79 -1.13
CA ARG B 231 -10.42 2.61 -0.56
C ARG B 231 -11.34 1.95 -1.57
N HIS B 232 -11.10 0.67 -1.84
CA HIS B 232 -11.90 -0.07 -2.82
C HIS B 232 -11.99 -1.55 -2.49
N SER B 233 -13.08 -2.20 -2.93
CA SER B 233 -13.24 -3.64 -2.77
C SER B 233 -12.34 -4.38 -3.76
N ARG B 234 -11.86 -5.56 -3.38
CA ARG B 234 -10.95 -6.33 -4.23
C ARG B 234 -11.59 -6.73 -5.55
N ASP B 235 -10.78 -7.26 -6.47
CA ASP B 235 -11.23 -7.47 -7.84
C ASP B 235 -11.18 -8.92 -8.30
N LYS B 236 -12.17 -9.32 -9.10
CA LYS B 236 -12.29 -10.68 -9.59
C LYS B 236 -11.29 -10.95 -10.71
N LYS B 237 -10.97 -9.91 -11.47
CA LYS B 237 -10.01 -10.03 -12.58
C LYS B 237 -8.57 -9.86 -12.09
N ASN B 238 -8.39 -9.75 -10.78
CA ASN B 238 -7.07 -9.68 -10.17
C ASN B 238 -7.02 -10.45 -8.85
N GLU B 239 -7.61 -11.65 -8.85
CA GLU B 239 -7.55 -12.53 -7.69
C GLU B 239 -6.10 -12.91 -7.43
N PRO B 240 -5.73 -13.08 -6.16
CA PRO B 240 -4.35 -13.39 -5.76
C PRO B 240 -3.72 -14.55 -6.53
N ASN B 241 -2.52 -14.30 -7.08
CA ASN B 241 -1.76 -15.29 -7.84
C ASN B 241 -1.19 -16.39 -6.95
N PRO B 242 -1.61 -17.64 -7.19
CA PRO B 242 -1.18 -18.75 -6.34
C PRO B 242 0.19 -19.28 -6.72
N GLN B 243 0.73 -18.82 -7.86
CA GLN B 243 2.05 -19.27 -8.30
C GLN B 243 3.16 -18.33 -7.85
N ARG B 244 2.80 -17.17 -7.32
CA ARG B 244 3.76 -16.09 -7.04
C ARG B 244 4.91 -16.45 -6.10
N PHE B 245 4.60 -17.04 -4.95
CA PHE B 245 5.63 -17.39 -3.98
C PHE B 245 6.63 -18.41 -4.54
N ASP B 246 6.17 -19.24 -5.46
CA ASP B 246 7.04 -20.20 -6.12
C ASP B 246 7.88 -19.50 -7.17
N ARG B 247 7.32 -18.47 -7.77
CA ARG B 247 7.99 -17.71 -8.82
C ARG B 247 9.05 -16.74 -8.30
N ILE B 248 8.76 -16.11 -7.16
CA ILE B 248 9.69 -15.17 -6.54
C ILE B 248 11.02 -15.86 -6.19
N ALA B 249 10.94 -17.13 -5.84
CA ALA B 249 12.11 -17.89 -5.39
C ALA B 249 13.04 -18.29 -6.52
N HIS B 250 12.61 -18.06 -7.77
CA HIS B 250 13.44 -18.42 -8.91
C HIS B 250 13.61 -17.26 -9.89
N THR B 251 13.68 -16.04 -9.36
CA THR B 251 13.83 -14.85 -10.19
C THR B 251 15.18 -14.82 -10.89
N LYS B 252 16.23 -15.22 -10.18
CA LYS B 252 17.59 -15.20 -10.70
C LYS B 252 17.74 -16.05 -11.96
N GLU B 253 16.92 -17.09 -12.05
CA GLU B 253 16.99 -18.06 -13.13
C GLU B 253 15.99 -17.75 -14.24
N THR B 254 14.99 -16.93 -13.92
CA THR B 254 13.92 -16.62 -14.86
C THR B 254 13.99 -15.21 -15.45
N MET B 255 14.70 -14.31 -14.79
CA MET B 255 14.79 -12.93 -15.24
C MET B 255 15.45 -12.80 -16.61
N LEU B 256 16.34 -13.73 -16.95
CA LEU B 256 16.98 -13.71 -18.25
C LEU B 256 16.03 -14.14 -19.36
N SER B 257 15.15 -15.09 -19.06
CA SER B 257 14.22 -15.61 -20.05
C SER B 257 12.94 -14.76 -20.16
N ASP B 258 12.41 -14.34 -19.01
CA ASP B 258 11.19 -13.54 -18.99
C ASP B 258 11.48 -12.08 -18.68
N GLY B 259 11.08 -11.20 -19.61
CA GLY B 259 11.28 -9.77 -19.44
C GLY B 259 11.02 -8.95 -20.69
N LEU B 260 11.79 -7.87 -20.85
CA LEU B 260 11.65 -6.95 -21.97
C LEU B 260 12.00 -7.63 -23.30
N ASN B 261 12.97 -8.53 -23.25
CA ASN B 261 13.37 -9.28 -24.44
C ASN B 261 12.28 -10.24 -24.91
N SER B 262 11.48 -10.74 -23.98
CA SER B 262 10.43 -11.70 -24.31
C SER B 262 9.03 -11.07 -24.18
N LEU B 263 8.94 -9.77 -24.43
CA LEU B 263 7.68 -9.05 -24.30
C LEU B 263 6.98 -8.90 -25.65
N THR B 264 5.76 -9.39 -25.73
CA THR B 264 4.92 -9.20 -26.92
C THR B 264 3.57 -8.65 -26.51
N TYR B 265 3.00 -7.82 -27.37
CA TYR B 265 1.67 -7.27 -27.13
C TYR B 265 1.11 -6.73 -28.44
N GLN B 266 -0.19 -6.45 -28.45
CA GLN B 266 -0.85 -5.89 -29.62
C GLN B 266 -1.54 -4.59 -29.23
N VAL B 267 -1.08 -3.48 -29.81
CA VAL B 267 -1.67 -2.18 -29.50
C VAL B 267 -3.02 -2.02 -30.20
N LEU B 268 -4.09 -1.97 -29.41
CA LEU B 268 -5.44 -1.82 -29.96
C LEU B 268 -5.80 -0.37 -30.20
N ASP B 269 -5.43 0.51 -29.28
CA ASP B 269 -5.84 1.91 -29.34
C ASP B 269 -4.85 2.84 -28.66
N VAL B 270 -4.76 4.07 -29.16
CA VAL B 270 -3.94 5.11 -28.54
C VAL B 270 -4.77 6.40 -28.42
N GLN B 271 -5.07 6.80 -27.21
CA GLN B 271 -5.91 7.99 -26.98
C GLN B 271 -5.13 9.12 -26.34
N ARG B 272 -5.07 10.26 -27.02
CA ARG B 272 -4.42 11.45 -26.50
C ARG B 272 -5.43 12.35 -25.81
N TYR B 273 -5.66 12.12 -24.52
CA TYR B 273 -6.55 12.97 -23.74
C TYR B 273 -5.80 14.22 -23.32
N PRO B 274 -6.54 15.26 -22.87
CA PRO B 274 -5.90 16.48 -22.38
C PRO B 274 -4.95 16.22 -21.22
N LEU B 275 -5.31 15.29 -20.34
CA LEU B 275 -4.55 15.08 -19.10
C LEU B 275 -3.66 13.84 -19.12
N TYR B 276 -3.97 12.88 -20.00
CA TYR B 276 -3.19 11.64 -20.06
C TYR B 276 -3.19 11.02 -21.45
N THR B 277 -2.24 10.12 -21.68
CA THR B 277 -2.19 9.36 -22.91
C THR B 277 -2.57 7.93 -22.57
N GLN B 278 -3.70 7.45 -23.09
CA GLN B 278 -4.17 6.10 -22.76
C GLN B 278 -3.92 5.13 -23.90
N ILE B 279 -3.10 4.12 -23.63
CA ILE B 279 -2.75 3.12 -24.63
C ILE B 279 -3.41 1.79 -24.29
N THR B 280 -4.47 1.48 -25.04
CA THR B 280 -5.20 0.23 -24.86
C THR B 280 -4.47 -0.92 -25.52
N VAL B 281 -4.15 -1.95 -24.74
CA VAL B 281 -3.25 -3.00 -25.21
C VAL B 281 -3.75 -4.43 -24.91
N ASP B 282 -3.59 -5.32 -25.90
CA ASP B 282 -3.81 -6.74 -25.69
C ASP B 282 -2.47 -7.35 -25.29
N ILE B 283 -2.41 -7.87 -24.07
CA ILE B 283 -1.17 -8.42 -23.53
C ILE B 283 -1.26 -9.93 -23.41
N GLY B 284 -2.37 -10.49 -23.86
CA GLY B 284 -2.50 -11.93 -23.94
C GLY B 284 -3.18 -12.60 -22.77
N THR B 285 -2.75 -13.83 -22.48
CA THR B 285 -3.39 -14.67 -21.48
C THR B 285 -2.33 -15.56 -20.83
N PRO B 286 -2.59 -16.01 -19.58
CA PRO B 286 -1.62 -16.88 -18.91
C PRO B 286 -1.39 -18.20 -19.66
N SER B 287 -0.17 -18.70 -19.63
CA SER B 287 0.17 -19.95 -20.30
C SER B 287 0.01 -21.14 -19.37
N ALA C 1 -20.30 20.57 8.14
CA ALA C 1 -19.03 20.03 7.66
C ALA C 1 -17.89 20.93 8.10
N LYS C 2 -16.92 20.36 8.81
CA LYS C 2 -15.83 21.15 9.40
C LYS C 2 -14.47 20.48 9.25
N GLN C 3 -13.52 21.21 8.68
CA GLN C 3 -12.16 20.72 8.52
C GLN C 3 -11.17 21.74 9.07
N PHE C 4 -10.50 21.38 10.16
CA PHE C 4 -9.57 22.29 10.83
C PHE C 4 -8.30 22.52 10.02
N THR C 5 -7.47 23.44 10.49
CA THR C 5 -6.13 23.60 9.95
C THR C 5 -5.15 23.25 11.07
N LYS C 6 -3.88 23.06 10.71
CA LYS C 6 -2.84 22.66 11.66
C LYS C 6 -2.84 23.51 12.94
N CYS C 7 -2.70 24.82 12.78
CA CYS C 7 -2.63 25.71 13.93
C CYS C 7 -3.98 25.95 14.60
N GLU C 8 -5.05 25.91 13.81
CA GLU C 8 -6.39 26.07 14.34
C GLU C 8 -6.72 24.93 15.30
N LEU C 9 -6.37 23.70 14.90
CA LEU C 9 -6.57 22.52 15.74
C LEU C 9 -5.65 22.58 16.95
N SER C 10 -4.44 23.09 16.75
CA SER C 10 -3.42 23.17 17.80
C SER C 10 -3.90 23.92 19.05
N GLN C 11 -4.52 25.07 18.84
CA GLN C 11 -5.02 25.88 19.96
C GLN C 11 -6.15 25.19 20.70
N LEU C 12 -6.79 24.22 20.05
CA LEU C 12 -7.92 23.54 20.65
C LEU C 12 -7.52 22.41 21.58
N LEU C 13 -6.31 21.89 21.38
CA LEU C 13 -5.81 20.79 22.20
C LEU C 13 -4.73 21.29 23.15
N LYS C 14 -4.79 22.57 23.52
CA LYS C 14 -3.77 23.18 24.36
C LYS C 14 -3.64 22.53 25.74
N ASP C 15 -4.76 22.04 26.28
CA ASP C 15 -4.74 21.37 27.57
C ASP C 15 -4.05 20.01 27.47
N ILE C 16 -3.90 19.53 26.24
CA ILE C 16 -3.26 18.24 25.97
C ILE C 16 -1.73 18.36 25.87
N ASP C 17 -1.23 19.58 25.65
CA ASP C 17 0.21 19.76 25.61
C ASP C 17 0.78 19.49 27.00
N GLY C 18 1.62 18.47 27.10
CA GLY C 18 2.16 18.06 28.39
C GLY C 18 1.26 17.04 29.07
N TYR C 19 0.32 16.47 28.32
CA TYR C 19 -0.60 15.48 28.85
C TYR C 19 0.00 14.09 28.75
N GLY C 20 0.72 13.68 29.81
CA GLY C 20 1.29 12.34 29.87
C GLY C 20 2.44 12.08 28.90
N GLY C 21 3.48 12.91 28.97
CA GLY C 21 4.63 12.74 28.12
C GLY C 21 4.29 12.91 26.65
N ILE C 22 3.28 13.73 26.38
CA ILE C 22 2.83 13.97 25.02
C ILE C 22 3.02 15.41 24.58
N ALA C 23 3.79 15.60 23.51
CA ALA C 23 3.95 16.92 22.91
C ALA C 23 2.87 17.15 21.89
N LEU C 24 2.19 18.29 22.00
CA LEU C 24 1.15 18.70 21.05
C LEU C 24 1.57 18.58 19.58
N PRO C 25 2.80 19.01 19.22
CA PRO C 25 3.19 18.89 17.80
C PRO C 25 3.25 17.45 17.31
N GLU C 26 3.64 16.52 18.19
CA GLU C 26 3.65 15.11 17.82
C GLU C 26 2.22 14.63 17.61
N LEU C 27 1.30 15.19 18.38
CA LEU C 27 -0.10 14.81 18.28
C LEU C 27 -0.73 15.41 17.03
N ILE C 28 -0.27 16.59 16.62
CA ILE C 28 -0.75 17.22 15.40
C ILE C 28 -0.32 16.42 14.18
N CYS C 29 0.95 16.04 14.15
CA CYS C 29 1.48 15.15 13.12
C CYS C 29 0.59 13.91 13.02
N THR C 30 0.19 13.41 14.18
CA THR C 30 -0.61 12.21 14.25
C THR C 30 -1.96 12.35 13.55
N MET C 31 -2.73 13.36 13.93
CA MET C 31 -4.07 13.54 13.37
C MET C 31 -4.08 13.91 11.90
N PHE C 32 -3.04 14.62 11.44
CA PHE C 32 -2.91 14.94 10.03
C PHE C 32 -2.88 13.66 9.18
N HIS C 33 -2.08 12.70 9.60
CA HIS C 33 -1.98 11.45 8.87
C HIS C 33 -3.15 10.52 9.19
N THR C 34 -3.77 10.74 10.35
CA THR C 34 -4.89 9.91 10.77
C THR C 34 -6.18 10.27 10.04
N SER C 35 -6.50 11.57 10.00
CA SER C 35 -7.77 12.02 9.44
C SER C 35 -7.66 13.28 8.58
N GLY C 36 -6.49 13.88 8.55
CA GLY C 36 -6.30 15.11 7.80
C GLY C 36 -7.11 16.26 8.36
N TYR C 37 -7.29 16.26 9.68
CA TYR C 37 -8.02 17.31 10.39
C TYR C 37 -9.51 17.35 10.04
N ASP C 38 -10.01 16.31 9.38
CA ASP C 38 -11.41 16.28 8.95
C ASP C 38 -12.32 15.67 10.03
N THR C 39 -13.31 16.45 10.44
CA THR C 39 -14.23 16.04 11.51
C THR C 39 -15.20 14.97 11.03
N GLN C 40 -15.26 14.75 9.72
CA GLN C 40 -16.19 13.79 9.14
C GLN C 40 -15.49 12.64 8.44
N ALA C 41 -14.20 12.49 8.67
CA ALA C 41 -13.46 11.36 8.12
C ALA C 41 -14.00 10.07 8.71
N ILE C 42 -14.15 9.05 7.88
CA ILE C 42 -14.66 7.77 8.35
C ILE C 42 -14.05 6.62 7.55
N VAL C 43 -13.59 5.59 8.25
CA VAL C 43 -13.04 4.41 7.60
C VAL C 43 -13.90 3.20 7.94
N GLU C 44 -14.55 2.64 6.92
CA GLU C 44 -15.45 1.51 7.11
C GLU C 44 -14.72 0.20 6.87
N ASN C 45 -14.84 -0.73 7.81
CA ASN C 45 -14.28 -2.05 7.65
C ASN C 45 -15.39 -3.09 7.73
N ASN C 46 -15.05 -4.37 7.62
CA ASN C 46 -16.06 -5.41 7.63
C ASN C 46 -16.76 -5.56 8.97
N GLU C 47 -15.96 -5.55 10.04
CA GLU C 47 -16.48 -5.74 11.39
C GLU C 47 -16.58 -4.44 12.18
N SER C 48 -15.77 -3.45 11.80
CA SER C 48 -15.65 -2.23 12.57
C SER C 48 -15.61 -0.98 11.71
N THR C 49 -15.62 0.17 12.36
CA THR C 49 -15.57 1.47 11.68
C THR C 49 -14.82 2.47 12.55
N GLU C 50 -14.12 3.42 11.94
CA GLU C 50 -13.43 4.45 12.69
C GLU C 50 -14.03 5.83 12.40
N TYR C 51 -14.30 6.60 13.45
CA TYR C 51 -15.13 7.80 13.32
C TYR C 51 -14.40 9.13 13.58
N GLY C 52 -14.48 10.03 12.61
CA GLY C 52 -14.11 11.42 12.81
C GLY C 52 -12.63 11.77 12.82
N LEU C 53 -12.33 12.91 13.43
CA LEU C 53 -10.99 13.49 13.43
C LEU C 53 -9.96 12.62 14.13
N PHE C 54 -10.39 11.86 15.14
CA PHE C 54 -9.46 11.01 15.87
C PHE C 54 -9.55 9.55 15.44
N GLN C 55 -10.39 9.27 14.44
CA GLN C 55 -10.62 7.91 13.96
C GLN C 55 -10.83 6.92 15.10
N ILE C 56 -11.94 7.11 15.80
CA ILE C 56 -12.23 6.39 17.03
C ILE C 56 -13.06 5.14 16.75
N SER C 57 -12.48 3.97 17.02
CA SER C 57 -13.10 2.69 16.68
C SER C 57 -14.33 2.33 17.52
N ASN C 58 -15.36 1.82 16.84
CA ASN C 58 -16.57 1.35 17.49
C ASN C 58 -16.37 0.01 18.18
N LYS C 59 -15.18 -0.56 18.02
CA LYS C 59 -14.82 -1.84 18.63
C LYS C 59 -15.02 -1.83 20.14
N LEU C 60 -14.67 -0.73 20.78
CA LEU C 60 -14.70 -0.64 22.24
C LEU C 60 -14.84 0.77 22.79
N TRP C 61 -14.51 1.78 21.98
CA TRP C 61 -14.53 3.16 22.47
C TRP C 61 -15.92 3.79 22.45
N CYS C 62 -16.66 3.59 21.37
CA CYS C 62 -18.02 4.13 21.30
C CYS C 62 -19.07 3.07 20.99
N LYS C 63 -20.24 3.52 20.55
CA LYS C 63 -21.37 2.61 20.39
C LYS C 63 -22.04 2.75 19.02
N SER C 64 -22.24 1.62 18.36
CA SER C 64 -22.88 1.57 17.05
C SER C 64 -23.73 0.31 16.93
N SER C 65 -24.48 0.20 15.84
CA SER C 65 -25.30 -0.99 15.60
C SER C 65 -24.44 -2.14 15.08
N GLN C 66 -23.30 -1.79 14.49
CA GLN C 66 -22.38 -2.77 13.92
C GLN C 66 -21.77 -3.64 15.01
N VAL C 67 -21.33 -3.00 16.10
CA VAL C 67 -20.78 -3.72 17.25
C VAL C 67 -21.59 -3.38 18.51
N PRO C 68 -22.66 -4.16 18.76
CA PRO C 68 -23.56 -3.90 19.89
C PRO C 68 -22.93 -4.30 21.23
N GLN C 69 -21.90 -5.13 21.19
CA GLN C 69 -21.25 -5.59 22.41
C GLN C 69 -20.03 -4.75 22.80
N SER C 70 -19.87 -3.63 22.11
CA SER C 70 -18.78 -2.70 22.42
C SER C 70 -18.80 -2.32 23.89
N ARG C 71 -17.62 -2.14 24.48
CA ARG C 71 -17.55 -1.75 25.87
C ARG C 71 -18.08 -0.33 26.03
N ASN C 72 -17.98 0.45 24.95
CA ASN C 72 -18.45 1.85 24.94
C ASN C 72 -17.82 2.64 26.07
N ILE C 73 -16.49 2.66 26.09
CA ILE C 73 -15.72 3.27 27.18
C ILE C 73 -15.98 4.77 27.29
N CYS C 74 -16.03 5.46 26.15
CA CYS C 74 -16.34 6.87 26.14
C CYS C 74 -17.83 7.13 26.42
N ASP C 75 -18.60 6.04 26.49
CA ASP C 75 -20.02 6.11 26.85
C ASP C 75 -20.76 7.08 25.94
N ILE C 76 -20.74 6.81 24.64
CA ILE C 76 -21.31 7.72 23.65
C ILE C 76 -21.56 6.98 22.34
N SER C 77 -22.54 7.43 21.56
CA SER C 77 -22.77 6.87 20.23
C SER C 77 -21.67 7.35 19.29
N CYS C 78 -21.25 6.47 18.39
CA CYS C 78 -20.07 6.74 17.56
C CYS C 78 -20.21 7.91 16.59
N ASP C 79 -21.39 8.10 16.00
CA ASP C 79 -21.57 9.19 15.04
C ASP C 79 -21.87 10.55 15.69
N LYS C 80 -21.47 10.69 16.95
CA LYS C 80 -21.36 11.99 17.59
C LYS C 80 -19.95 12.51 17.32
N PHE C 81 -19.14 11.67 16.69
CA PHE C 81 -17.78 12.04 16.32
C PHE C 81 -17.79 12.54 14.88
N LEU C 82 -18.97 12.95 14.43
CA LEU C 82 -19.16 13.46 13.07
C LEU C 82 -19.75 14.86 13.06
N ASP C 83 -20.21 15.35 14.22
CA ASP C 83 -20.65 16.74 14.31
C ASP C 83 -19.45 17.66 14.16
N ASP C 84 -19.72 18.94 13.92
CA ASP C 84 -18.64 19.92 13.78
C ASP C 84 -18.02 20.20 15.13
N ASP C 85 -18.62 19.64 16.19
CA ASP C 85 -18.13 19.83 17.54
C ASP C 85 -17.29 18.66 18.01
N ILE C 86 -15.98 18.88 18.05
CA ILE C 86 -15.05 17.86 18.53
C ILE C 86 -14.81 18.00 20.02
N THR C 87 -15.67 18.75 20.69
CA THR C 87 -15.57 18.94 22.13
C THR C 87 -15.72 17.60 22.84
N ASP C 88 -16.61 16.76 22.31
CA ASP C 88 -16.78 15.41 22.85
C ASP C 88 -15.78 14.42 22.24
N ASP C 89 -15.32 14.70 21.02
CA ASP C 89 -14.26 13.89 20.42
C ASP C 89 -12.99 13.96 21.26
N ILE C 90 -12.69 15.17 21.75
CA ILE C 90 -11.51 15.38 22.58
C ILE C 90 -11.64 14.63 23.90
N MET C 91 -12.84 14.65 24.48
CA MET C 91 -13.07 13.95 25.74
C MET C 91 -12.82 12.44 25.64
N CYS C 92 -13.16 11.87 24.48
CA CYS C 92 -12.92 10.44 24.25
C CYS C 92 -11.47 10.16 23.88
N ALA C 93 -10.89 11.01 23.03
CA ALA C 93 -9.48 10.90 22.68
C ALA C 93 -8.61 10.97 23.93
N LYS C 94 -9.05 11.75 24.90
CA LYS C 94 -8.36 11.89 26.17
C LYS C 94 -8.40 10.59 26.95
N LYS C 95 -9.48 9.83 26.79
CA LYS C 95 -9.59 8.54 27.44
C LYS C 95 -8.71 7.52 26.75
N ILE C 96 -8.66 7.58 25.42
CA ILE C 96 -7.77 6.74 24.63
C ILE C 96 -6.32 6.97 25.05
N LEU C 97 -5.94 8.25 25.10
CA LEU C 97 -4.60 8.64 25.54
C LEU C 97 -4.28 8.11 26.93
N ASP C 98 -5.26 8.20 27.83
CA ASP C 98 -5.09 7.76 29.21
C ASP C 98 -5.05 6.24 29.37
N ILE C 99 -5.78 5.54 28.51
CA ILE C 99 -5.88 4.08 28.61
C ILE C 99 -4.93 3.32 27.67
N LYS C 100 -5.11 3.48 26.37
CA LYS C 100 -4.22 2.83 25.41
C LYS C 100 -2.91 3.59 25.28
N GLY C 101 -2.99 4.90 25.15
CA GLY C 101 -1.82 5.73 24.93
C GLY C 101 -1.80 6.32 23.53
N ILE C 102 -0.78 7.12 23.24
CA ILE C 102 -0.70 7.81 21.95
C ILE C 102 -0.42 6.88 20.79
N ASP C 103 -0.03 5.64 21.08
CA ASP C 103 0.24 4.67 20.03
C ASP C 103 -0.97 3.83 19.64
N TYR C 104 -2.15 4.25 20.09
CA TYR C 104 -3.41 3.76 19.55
C TYR C 104 -3.42 4.18 18.09
N TRP C 105 -2.85 5.35 17.83
CA TRP C 105 -2.71 5.87 16.49
C TRP C 105 -1.36 5.43 15.90
N LEU C 106 -1.44 4.52 14.94
CA LEU C 106 -0.25 3.88 14.37
C LEU C 106 0.76 4.88 13.80
N ALA C 107 0.27 6.05 13.40
CA ALA C 107 1.10 7.03 12.71
C ALA C 107 2.09 7.79 13.59
N HIS C 108 1.90 7.72 14.91
CA HIS C 108 2.77 8.47 15.81
C HIS C 108 4.21 7.96 15.84
N LYS C 109 4.39 6.68 16.15
CA LYS C 109 5.71 6.08 16.21
C LYS C 109 6.35 6.10 14.82
N ALA C 110 5.54 5.82 13.81
CA ALA C 110 6.04 5.73 12.44
C ALA C 110 6.49 7.07 11.86
N LEU C 111 5.78 8.14 12.20
CA LEU C 111 5.98 9.42 11.51
C LEU C 111 6.15 10.65 12.41
N CYS C 112 5.69 10.57 13.66
CA CYS C 112 5.55 11.77 14.47
C CYS C 112 6.37 11.80 15.76
N THR C 113 7.61 11.32 15.70
CA THR C 113 8.50 11.39 16.84
C THR C 113 9.68 12.30 16.56
N GLU C 114 9.87 12.63 15.29
CA GLU C 114 10.93 13.53 14.85
C GLU C 114 10.46 14.39 13.69
N LYS C 115 11.24 15.41 13.36
CA LYS C 115 10.83 16.41 12.37
C LYS C 115 9.50 17.04 12.77
N LEU C 116 9.43 17.52 14.01
CA LEU C 116 8.20 18.07 14.57
C LEU C 116 7.99 19.55 14.25
N GLU C 117 9.00 20.19 13.68
CA GLU C 117 8.95 21.63 13.43
C GLU C 117 7.81 22.01 12.49
N GLN C 118 7.55 21.16 11.50
CA GLN C 118 6.46 21.39 10.55
C GLN C 118 5.10 21.41 11.24
N TRP C 119 5.02 20.75 12.39
CA TRP C 119 3.76 20.65 13.13
C TRP C 119 3.69 21.60 14.33
N LEU C 120 4.68 22.49 14.45
CA LEU C 120 4.68 23.47 15.53
C LEU C 120 3.74 24.61 15.17
N CYS C 121 3.08 25.19 16.17
CA CYS C 121 2.11 26.26 15.91
C CYS C 121 2.30 27.53 16.73
N GLU C 122 3.38 27.56 17.52
CA GLU C 122 3.85 28.80 18.14
C GLU C 122 2.77 29.54 18.96
#